data_5QI4
#
_entry.id   5QI4
#
_cell.length_a   34.030
_cell.length_b   41.526
_cell.length_c   111.083
_cell.angle_alpha   90.000
_cell.angle_beta   90.000
_cell.angle_gamma   90.000
#
_symmetry.space_group_name_H-M   'P 21 21 21'
#
loop_
_entity.id
_entity.type
_entity.pdbx_description
1 polymer 'Poly [ADP-ribose] polymerase 14'
2 non-polymer 'CHLORIDE ION'
3 non-polymer 'DIMETHYL SULFOXIDE'
4 non-polymer ~{N},~{N},5,6-tetramethylthieno[2,3-d]pyrimidin-4-amine
5 water water
#
_entity_poly.entity_id   1
_entity_poly.type   'polypeptide(L)'
_entity_poly.pdbx_seq_one_letter_code
;SMFYGTVSSPDSGVYEMKIGSIIFQVASGDITKEEADVIVNSTSNSFNLKAGVSKAILECAGQNVERECSQQAQQRKNDY
IITGGGFLRCKNIIHVIGGNDVKSSVSSVLQECEKKNYSSICLPAIGTGNAKQHPDKVAEAIIDAIEDFVQKGSAQSVKK
VKVVIFLPQVLDVFYANMKKREG
;
_entity_poly.pdbx_strand_id   A
#
# COMPACT_ATOMS: atom_id res chain seq x y z
N MET A 2 22.81 3.24 -5.84
CA MET A 2 22.60 2.40 -7.07
C MET A 2 21.24 2.55 -7.77
N PHE A 3 20.22 3.06 -7.05
CA PHE A 3 18.84 3.15 -7.60
C PHE A 3 18.08 4.49 -7.45
N TYR A 4 18.47 5.35 -6.51
CA TYR A 4 17.64 6.51 -6.11
C TYR A 4 17.90 7.78 -6.92
N GLY A 5 16.82 8.39 -7.40
CA GLY A 5 16.86 9.73 -7.99
C GLY A 5 16.76 10.86 -6.97
N THR A 6 16.17 11.96 -7.42
CA THR A 6 16.10 13.21 -6.65
C THR A 6 14.68 13.43 -6.13
N VAL A 7 14.55 13.89 -4.88
CA VAL A 7 13.24 14.25 -4.31
C VAL A 7 12.79 15.63 -4.83
N SER A 8 11.59 15.69 -5.41
CA SER A 8 10.97 16.97 -5.83
C SER A 8 9.45 16.95 -5.58
N SER A 9 8.80 18.08 -5.82
CA SER A 9 7.34 18.19 -5.69
C SER A 9 6.70 18.58 -7.03
N PRO A 10 6.06 17.61 -7.74
CA PRO A 10 5.47 17.86 -9.07
C PRO A 10 4.12 18.56 -9.02
N ASP A 11 3.44 18.42 -7.90
CA ASP A 11 2.09 18.95 -7.70
C ASP A 11 2.01 19.36 -6.26
N SER A 12 1.03 20.20 -5.94
CA SER A 12 0.85 20.71 -4.58
C SER A 12 0.53 19.57 -3.61
N GLY A 13 1.35 19.47 -2.55
CA GLY A 13 1.22 18.40 -1.55
C GLY A 13 1.76 17.03 -1.96
N VAL A 14 2.37 16.88 -3.15
CA VAL A 14 2.86 15.58 -3.63
C VAL A 14 4.40 15.65 -3.70
N TYR A 15 5.08 14.64 -3.16
CA TYR A 15 6.57 14.56 -3.19
C TYR A 15 6.95 13.24 -3.86
N GLU A 16 7.93 13.28 -4.75
CA GLU A 16 8.28 12.09 -5.53
C GLU A 16 9.78 11.89 -5.71
N MET A 17 10.17 10.65 -5.97
CA MET A 17 11.52 10.32 -6.39
C MET A 17 11.51 9.02 -7.18
N LYS A 18 12.43 8.89 -8.13
CA LYS A 18 12.63 7.60 -8.79
C LYS A 18 13.37 6.58 -7.91
N ILE A 19 12.91 5.32 -7.98
CA ILE A 19 13.63 4.18 -7.42
C ILE A 19 13.75 3.18 -8.58
N GLY A 20 14.91 3.15 -9.23
CA GLY A 20 15.06 2.41 -10.48
C GLY A 20 14.08 2.97 -11.48
N SER A 21 13.31 2.08 -12.12
CA SER A 21 12.29 2.47 -13.09
C SER A 21 10.95 2.98 -12.49
N ILE A 22 10.75 2.83 -11.18
CA ILE A 22 9.46 3.15 -10.54
C ILE A 22 9.46 4.61 -10.03
N ILE A 23 8.35 5.30 -10.25
CA ILE A 23 8.13 6.62 -9.60
C ILE A 23 7.46 6.38 -8.23
N PHE A 24 8.12 6.75 -7.14
CA PHE A 24 7.61 6.62 -5.77
C PHE A 24 7.11 7.99 -5.32
N GLN A 25 5.87 8.07 -4.84
CA GLN A 25 5.23 9.33 -4.45
C GLN A 25 4.60 9.18 -3.05
N VAL A 26 4.56 10.30 -2.31
CA VAL A 26 3.83 10.42 -1.06
C VAL A 26 2.97 11.70 -1.04
N ALA A 27 1.82 11.62 -0.36
CA ALA A 27 0.91 12.77 -0.19
C ALA A 27 0.00 12.48 0.98
N SER A 28 -0.53 13.54 1.61
N SER A 28 -0.53 13.52 1.63
N SER A 28 -0.54 13.53 1.61
CA SER A 28 -1.57 13.40 2.63
CA SER A 28 -1.56 13.36 2.64
CA SER A 28 -1.56 13.39 2.64
C SER A 28 -2.94 13.52 2.00
C SER A 28 -2.92 13.46 1.96
C SER A 28 -2.94 13.55 2.02
N GLY A 29 -3.92 12.81 2.55
CA GLY A 29 -5.29 12.83 2.02
C GLY A 29 -6.12 11.60 2.33
N ASP A 30 -7.23 11.54 1.62
CA ASP A 30 -8.24 10.49 1.69
C ASP A 30 -7.96 9.41 0.62
N ILE A 31 -7.44 8.26 1.04
CA ILE A 31 -7.06 7.15 0.10
C ILE A 31 -8.26 6.65 -0.72
N THR A 32 -9.48 6.77 -0.18
CA THR A 32 -10.69 6.36 -0.90
C THR A 32 -11.06 7.19 -2.14
N LYS A 33 -10.46 8.38 -2.27
CA LYS A 33 -10.62 9.26 -3.43
C LYS A 33 -9.63 8.98 -4.56
N GLU A 34 -8.67 8.08 -4.33
CA GLU A 34 -7.63 7.75 -5.34
C GLU A 34 -8.07 6.76 -6.41
N GLU A 35 -7.44 6.88 -7.59
CA GLU A 35 -7.60 5.91 -8.68
C GLU A 35 -6.24 5.21 -8.90
N ALA A 36 -6.25 3.87 -8.95
CA ALA A 36 -5.03 3.07 -9.18
C ALA A 36 -5.45 1.67 -9.60
N ASP A 37 -4.55 0.90 -10.24
CA ASP A 37 -4.91 -0.49 -10.53
C ASP A 37 -5.23 -1.30 -9.24
N VAL A 38 -4.37 -1.14 -8.23
CA VAL A 38 -4.58 -1.70 -6.89
C VAL A 38 -4.56 -0.61 -5.82
N ILE A 39 -5.52 -0.72 -4.89
CA ILE A 39 -5.52 0.00 -3.60
C ILE A 39 -5.30 -1.02 -2.50
N VAL A 40 -4.41 -0.72 -1.57
CA VAL A 40 -4.11 -1.60 -0.43
C VAL A 40 -4.88 -1.17 0.83
N ASN A 41 -5.52 -2.14 1.48
CA ASN A 41 -6.15 -1.96 2.80
C ASN A 41 -5.27 -2.55 3.90
N SER A 42 -5.16 -1.84 5.03
CA SER A 42 -4.40 -2.30 6.22
C SER A 42 -5.41 -2.74 7.28
N THR A 43 -5.54 -4.05 7.48
CA THR A 43 -6.64 -4.62 8.30
C THR A 43 -6.09 -5.57 9.36
N SER A 44 -6.99 -6.31 10.01
CA SER A 44 -6.63 -7.31 11.03
C SER A 44 -6.50 -8.72 10.40
N ASN A 45 -6.01 -9.69 11.17
CA ASN A 45 -5.85 -11.06 10.67
C ASN A 45 -7.17 -11.78 10.37
N SER A 46 -8.30 -11.17 10.77
CA SER A 46 -9.66 -11.67 10.41
C SER A 46 -10.26 -11.01 9.14
N PHE A 47 -9.54 -10.01 8.61
CA PHE A 47 -9.96 -9.26 7.42
C PHE A 47 -11.34 -8.56 7.52
N ASN A 48 -11.69 -8.15 8.74
CA ASN A 48 -12.98 -7.48 9.01
C ASN A 48 -12.86 -6.26 9.95
N LEU A 49 -11.67 -5.68 10.06
CA LEU A 49 -11.47 -4.45 10.86
C LEU A 49 -12.23 -3.31 10.14
N LYS A 50 -12.87 -2.44 10.92
N LYS A 50 -12.92 -2.47 10.92
N LYS A 50 -12.87 -2.44 10.92
CA LYS A 50 -13.58 -1.29 10.38
CA LYS A 50 -13.57 -1.27 10.41
CA LYS A 50 -13.58 -1.29 10.38
C LYS A 50 -13.30 -0.08 11.28
C LYS A 50 -13.28 -0.13 11.36
C LYS A 50 -13.30 -0.08 11.28
N ALA A 51 -12.02 0.29 11.35
CA ALA A 51 -11.54 1.41 12.20
C ALA A 51 -10.43 2.16 11.42
N GLY A 52 -10.47 3.49 11.43
CA GLY A 52 -9.45 4.28 10.71
C GLY A 52 -9.54 4.03 9.20
N VAL A 53 -8.40 3.81 8.55
CA VAL A 53 -8.37 3.63 7.09
C VAL A 53 -9.25 2.45 6.65
N SER A 54 -9.23 1.34 7.38
CA SER A 54 -10.07 0.19 7.05
C SER A 54 -11.56 0.50 7.08
N LYS A 55 -12.01 1.34 8.02
CA LYS A 55 -13.41 1.83 8.02
C LYS A 55 -13.74 2.52 6.72
N ALA A 56 -12.93 3.50 6.34
CA ALA A 56 -13.16 4.27 5.12
C ALA A 56 -13.16 3.37 3.87
N ILE A 57 -12.18 2.45 3.79
CA ILE A 57 -12.08 1.55 2.63
C ILE A 57 -13.30 0.59 2.56
N LEU A 58 -13.67 -0.06 3.66
CA LEU A 58 -14.82 -1.02 3.59
C LEU A 58 -16.16 -0.32 3.36
N GLU A 59 -16.38 0.83 3.98
CA GLU A 59 -17.59 1.63 3.75
C GLU A 59 -17.74 2.06 2.28
N CYS A 60 -16.69 2.64 1.70
N CYS A 60 -16.68 2.62 1.70
N CYS A 60 -16.68 2.62 1.70
CA CYS A 60 -16.72 3.10 0.29
CA CYS A 60 -16.71 3.11 0.32
CA CYS A 60 -16.71 3.11 0.32
C CYS A 60 -16.76 1.94 -0.70
C CYS A 60 -16.68 1.98 -0.72
C CYS A 60 -16.68 1.98 -0.72
N ALA A 61 -16.02 0.87 -0.42
CA ALA A 61 -15.99 -0.33 -1.33
C ALA A 61 -17.33 -1.06 -1.40
N GLY A 62 -18.00 -1.22 -0.24
CA GLY A 62 -19.37 -1.77 -0.18
C GLY A 62 -19.45 -3.19 0.34
N GLN A 63 -20.70 -3.64 0.48
CA GLN A 63 -21.00 -4.88 1.17
C GLN A 63 -20.57 -6.13 0.41
N ASN A 64 -20.57 -6.08 -0.93
CA ASN A 64 -20.08 -7.23 -1.70
C ASN A 64 -18.59 -7.51 -1.43
N VAL A 65 -17.78 -6.45 -1.30
CA VAL A 65 -16.35 -6.61 -0.91
C VAL A 65 -16.19 -7.14 0.52
N GLU A 66 -16.99 -6.61 1.45
CA GLU A 66 -17.01 -7.19 2.82
C GLU A 66 -17.32 -8.67 2.80
N ARG A 67 -18.31 -9.05 1.99
CA ARG A 67 -18.67 -10.48 1.83
C ARG A 67 -17.54 -11.35 1.24
N GLU A 68 -16.86 -10.83 0.22
CA GLU A 68 -15.68 -11.48 -0.37
C GLU A 68 -14.58 -11.76 0.66
N CYS A 69 -14.32 -10.77 1.51
CA CYS A 69 -13.30 -10.89 2.60
C CYS A 69 -13.55 -12.01 3.63
N SER A 70 -14.78 -12.07 4.14
N SER A 70 -14.78 -12.06 4.13
N SER A 70 -14.78 -12.07 4.14
CA SER A 70 -15.15 -13.08 5.13
CA SER A 70 -15.18 -13.07 5.12
CA SER A 70 -15.15 -13.08 5.13
C SER A 70 -15.23 -14.47 4.53
C SER A 70 -15.21 -14.47 4.52
C SER A 70 -15.23 -14.47 4.53
N GLN A 71 -15.68 -14.58 3.28
CA GLN A 71 -15.69 -15.87 2.54
C GLN A 71 -14.30 -16.46 2.32
N GLN A 72 -13.34 -15.62 1.89
CA GLN A 72 -11.95 -16.07 1.77
C GLN A 72 -11.28 -16.36 3.12
N ALA A 73 -11.58 -15.57 4.15
CA ALA A 73 -10.99 -15.76 5.47
C ALA A 73 -11.32 -17.14 6.10
N GLN A 74 -12.53 -17.64 5.82
CA GLN A 74 -12.96 -18.96 6.33
C GLN A 74 -12.46 -20.15 5.49
N GLN A 75 -11.96 -19.90 4.28
CA GLN A 75 -11.47 -20.96 3.38
C GLN A 75 -10.07 -21.50 3.73
N ARG A 76 -9.18 -20.61 4.15
CA ARG A 76 -7.81 -21.00 4.52
C ARG A 76 -7.20 -19.93 5.42
N LYS A 77 -5.99 -20.21 5.93
CA LYS A 77 -5.21 -19.20 6.65
C LYS A 77 -4.47 -18.35 5.61
N ASN A 78 -4.81 -17.05 5.55
CA ASN A 78 -4.26 -16.12 4.56
C ASN A 78 -3.33 -15.11 5.23
N ASP A 79 -2.15 -14.87 4.64
CA ASP A 79 -1.31 -13.72 5.00
C ASP A 79 -1.89 -12.40 4.45
N TYR A 80 -2.60 -12.47 3.33
CA TYR A 80 -3.30 -11.34 2.68
C TYR A 80 -4.36 -11.92 1.76
N ILE A 81 -5.34 -11.12 1.37
N ILE A 81 -5.31 -11.06 1.37
N ILE A 81 -5.34 -11.12 1.37
CA ILE A 81 -6.31 -11.56 0.37
CA ILE A 81 -6.48 -11.42 0.54
CA ILE A 81 -6.31 -11.56 0.38
C ILE A 81 -6.47 -10.52 -0.73
C ILE A 81 -6.70 -10.44 -0.63
C ILE A 81 -6.46 -10.51 -0.72
N ILE A 82 -6.98 -10.99 -1.86
N ILE A 82 -6.96 -10.97 -1.83
N ILE A 82 -6.96 -10.97 -1.85
CA ILE A 82 -7.28 -10.16 -3.01
CA ILE A 82 -7.24 -10.13 -3.00
CA ILE A 82 -7.24 -10.13 -3.00
C ILE A 82 -8.78 -10.20 -3.26
C ILE A 82 -8.75 -10.18 -3.32
C ILE A 82 -8.75 -10.18 -3.32
N THR A 83 -9.40 -9.03 -3.35
CA THR A 83 -10.84 -8.92 -3.74
C THR A 83 -11.01 -7.95 -4.91
N GLY A 84 -12.22 -7.88 -5.46
CA GLY A 84 -12.59 -6.82 -6.35
C GLY A 84 -12.53 -5.43 -5.68
N GLY A 85 -12.63 -4.39 -6.47
CA GLY A 85 -12.57 -3.03 -6.00
C GLY A 85 -13.87 -2.45 -5.48
N GLY A 86 -14.99 -3.12 -5.75
CA GLY A 86 -16.30 -2.56 -5.40
C GLY A 86 -16.53 -1.18 -5.98
N PHE A 87 -16.97 -0.24 -5.15
CA PHE A 87 -17.14 1.14 -5.58
C PHE A 87 -15.93 2.06 -5.34
N LEU A 88 -14.77 1.46 -5.05
CA LEU A 88 -13.51 2.20 -5.15
C LEU A 88 -13.03 2.25 -6.61
N ARG A 89 -12.20 3.23 -6.91
CA ARG A 89 -11.65 3.41 -8.25
C ARG A 89 -10.36 2.58 -8.47
N CYS A 90 -10.53 1.29 -8.49
CA CYS A 90 -9.43 0.37 -8.70
C CYS A 90 -9.96 -0.92 -9.29
N LYS A 91 -9.04 -1.74 -9.81
CA LYS A 91 -9.37 -3.09 -10.34
C LYS A 91 -9.42 -4.15 -9.24
N ASN A 92 -8.51 -4.07 -8.25
CA ASN A 92 -8.52 -4.98 -7.09
C ASN A 92 -8.12 -4.22 -5.83
N ILE A 93 -8.64 -4.68 -4.69
CA ILE A 93 -8.09 -4.32 -3.38
C ILE A 93 -7.24 -5.49 -2.87
N ILE A 94 -6.03 -5.17 -2.39
CA ILE A 94 -5.25 -6.18 -1.66
C ILE A 94 -5.29 -5.80 -0.17
N HIS A 95 -5.82 -6.71 0.64
CA HIS A 95 -6.00 -6.49 2.09
C HIS A 95 -4.86 -7.19 2.82
N VAL A 96 -3.95 -6.40 3.41
CA VAL A 96 -2.79 -6.90 4.15
C VAL A 96 -3.06 -6.72 5.66
N ILE A 97 -2.36 -7.51 6.47
CA ILE A 97 -2.51 -7.48 7.96
C ILE A 97 -1.57 -6.42 8.54
N GLY A 98 -2.14 -5.37 9.17
CA GLY A 98 -1.36 -4.25 9.68
C GLY A 98 -0.24 -4.60 10.67
N GLY A 99 -0.46 -5.65 11.47
CA GLY A 99 0.55 -6.10 12.43
C GLY A 99 1.68 -6.95 11.87
N ASN A 100 1.54 -7.40 10.62
CA ASN A 100 2.59 -8.21 9.99
C ASN A 100 3.82 -7.37 9.59
N ASP A 101 4.93 -8.05 9.32
CA ASP A 101 6.13 -7.42 8.79
C ASP A 101 5.78 -6.62 7.52
N VAL A 102 6.01 -5.31 7.55
CA VAL A 102 5.56 -4.40 6.49
C VAL A 102 6.35 -4.64 5.19
N LYS A 103 7.66 -4.90 5.30
CA LYS A 103 8.46 -5.19 4.09
C LYS A 103 7.91 -6.40 3.35
N SER A 104 7.59 -7.48 4.08
N SER A 104 7.60 -7.47 4.09
N SER A 104 7.59 -7.48 4.08
CA SER A 104 7.01 -8.69 3.51
CA SER A 104 7.03 -8.67 3.50
CA SER A 104 7.01 -8.69 3.51
C SER A 104 5.66 -8.43 2.84
C SER A 104 5.70 -8.36 2.80
C SER A 104 5.66 -8.43 2.84
N SER A 105 4.82 -7.62 3.48
CA SER A 105 3.49 -7.26 2.91
C SER A 105 3.61 -6.47 1.59
N VAL A 106 4.50 -5.48 1.56
CA VAL A 106 4.71 -4.69 0.37
C VAL A 106 5.33 -5.53 -0.79
N SER A 107 6.29 -6.39 -0.46
CA SER A 107 6.87 -7.33 -1.44
C SER A 107 5.79 -8.20 -2.09
N SER A 108 4.85 -8.70 -1.29
CA SER A 108 3.72 -9.50 -1.80
C SER A 108 2.79 -8.69 -2.74
N VAL A 109 2.45 -7.45 -2.35
CA VAL A 109 1.66 -6.55 -3.19
C VAL A 109 2.34 -6.34 -4.55
N LEU A 110 3.63 -6.05 -4.54
CA LEU A 110 4.39 -5.81 -5.80
C LEU A 110 4.34 -7.03 -6.73
N GLN A 111 4.57 -8.21 -6.17
CA GLN A 111 4.59 -9.46 -6.93
C GLN A 111 3.20 -9.80 -7.53
N GLU A 112 2.14 -9.58 -6.76
CA GLU A 112 0.77 -9.77 -7.26
C GLU A 112 0.42 -8.78 -8.38
N CYS A 113 0.93 -7.55 -8.29
CA CYS A 113 0.67 -6.56 -9.36
C CYS A 113 1.41 -6.91 -10.65
N GLU A 114 2.63 -7.44 -10.57
CA GLU A 114 3.32 -7.98 -11.77
C GLU A 114 2.57 -9.14 -12.42
N LYS A 115 2.04 -10.05 -11.60
N LYS A 115 2.03 -10.05 -11.60
N LYS A 115 2.03 -10.05 -11.60
CA LYS A 115 1.27 -11.18 -12.10
CA LYS A 115 1.25 -11.20 -12.09
CA LYS A 115 1.25 -11.20 -12.09
C LYS A 115 0.09 -10.71 -12.98
C LYS A 115 0.00 -10.78 -12.88
C LYS A 115 0.00 -10.78 -12.88
N LYS A 116 -0.54 -9.60 -12.59
CA LYS A 116 -1.71 -9.05 -13.33
C LYS A 116 -1.34 -7.98 -14.38
N ASN A 117 -0.06 -7.75 -14.60
CA ASN A 117 0.43 -6.71 -15.53
C ASN A 117 -0.09 -5.29 -15.19
N TYR A 118 -0.26 -5.02 -13.90
CA TYR A 118 -0.69 -3.70 -13.41
C TYR A 118 0.47 -2.71 -13.35
N SER A 119 0.13 -1.43 -13.52
CA SER A 119 1.11 -0.33 -13.55
C SER A 119 1.12 0.58 -12.35
N SER A 120 -0.02 0.71 -11.64
CA SER A 120 -0.12 1.65 -10.51
C SER A 120 -0.67 1.01 -9.24
N ILE A 121 -0.11 1.47 -8.13
CA ILE A 121 -0.48 1.01 -6.79
C ILE A 121 -0.64 2.22 -5.87
N CYS A 122 -1.65 2.20 -5.01
N CYS A 122 -1.65 2.20 -5.01
N CYS A 122 -1.65 2.17 -5.02
CA CYS A 122 -1.79 3.19 -3.93
CA CYS A 122 -1.79 3.19 -3.93
CA CYS A 122 -1.84 3.13 -3.92
C CYS A 122 -1.99 2.47 -2.60
C CYS A 122 -1.99 2.47 -2.60
C CYS A 122 -1.92 2.38 -2.61
N LEU A 123 -1.21 2.87 -1.59
CA LEU A 123 -1.26 2.23 -0.24
C LEU A 123 -1.28 3.29 0.86
N PRO A 124 -1.76 2.90 2.06
CA PRO A 124 -1.69 3.76 3.23
C PRO A 124 -0.34 3.54 3.93
N ALA A 125 -0.11 4.26 5.03
CA ALA A 125 1.06 3.99 5.88
C ALA A 125 0.73 2.75 6.73
N ILE A 126 0.91 1.59 6.10
CA ILE A 126 0.50 0.26 6.61
C ILE A 126 0.99 0.06 8.05
N GLY A 127 0.07 -0.30 8.95
CA GLY A 127 0.44 -0.67 10.33
C GLY A 127 0.48 0.48 11.33
N THR A 128 0.36 1.73 10.87
CA THR A 128 0.45 2.89 11.79
C THR A 128 -0.85 3.20 12.54
N GLY A 129 -1.94 2.56 12.15
CA GLY A 129 -3.25 2.72 12.77
C GLY A 129 -3.44 1.77 13.95
N ASN A 130 -4.40 0.85 13.84
CA ASN A 130 -4.77 -0.05 14.94
C ASN A 130 -3.60 -0.92 15.43
N ALA A 131 -2.73 -1.33 14.51
CA ALA A 131 -1.52 -2.14 14.85
C ALA A 131 -0.45 -1.35 15.62
N LYS A 132 -0.48 -0.02 15.56
CA LYS A 132 0.44 0.84 16.33
C LYS A 132 1.92 0.49 16.12
N GLN A 133 2.30 0.23 14.84
CA GLN A 133 3.71 0.21 14.43
C GLN A 133 4.21 1.66 14.31
N HIS A 134 5.49 1.86 14.59
N HIS A 134 5.51 1.86 14.58
N HIS A 134 5.49 1.86 14.59
CA HIS A 134 6.08 3.20 14.60
CA HIS A 134 6.16 3.17 14.53
CA HIS A 134 6.08 3.20 14.60
C HIS A 134 6.28 3.73 13.17
C HIS A 134 6.26 3.72 13.11
C HIS A 134 6.28 3.73 13.17
N PRO A 135 5.84 4.97 12.90
CA PRO A 135 5.93 5.59 11.54
C PRO A 135 7.27 5.56 10.80
N ASP A 136 8.35 5.82 11.53
N ASP A 136 8.40 5.84 11.45
N ASP A 136 8.35 5.82 11.53
CA ASP A 136 9.71 5.76 10.98
CA ASP A 136 9.69 5.75 10.71
CA ASP A 136 9.71 5.76 10.98
C ASP A 136 10.08 4.36 10.47
C ASP A 136 10.08 4.31 10.40
C ASP A 136 10.08 4.36 10.47
N LYS A 137 9.73 3.34 11.26
CA LYS A 137 9.98 1.91 10.91
C LYS A 137 9.12 1.47 9.70
N VAL A 138 7.87 1.96 9.63
CA VAL A 138 6.97 1.66 8.51
C VAL A 138 7.49 2.30 7.20
N ALA A 139 7.91 3.57 7.27
CA ALA A 139 8.49 4.24 6.10
C ALA A 139 9.73 3.48 5.59
N GLU A 140 10.63 3.11 6.51
CA GLU A 140 11.87 2.40 6.12
C GLU A 140 11.55 1.07 5.43
N ALA A 141 10.55 0.36 5.95
CA ALA A 141 10.17 -0.95 5.39
C ALA A 141 9.51 -0.87 4.02
N ILE A 142 8.60 0.08 3.82
CA ILE A 142 7.94 0.29 2.55
C ILE A 142 8.99 0.60 1.45
N ILE A 143 9.87 1.56 1.72
CA ILE A 143 10.85 1.96 0.70
C ILE A 143 11.87 0.82 0.46
N ASP A 144 12.35 0.16 1.53
CA ASP A 144 13.21 -1.04 1.40
C ASP A 144 12.60 -2.14 0.50
N ALA A 145 11.31 -2.41 0.63
CA ALA A 145 10.66 -3.41 -0.23
C ALA A 145 10.74 -3.04 -1.71
N ILE A 146 10.51 -1.77 -2.02
CA ILE A 146 10.56 -1.30 -3.41
C ILE A 146 12.02 -1.40 -3.93
N GLU A 147 13.01 -0.97 -3.14
CA GLU A 147 14.42 -1.10 -3.52
C GLU A 147 14.82 -2.55 -3.86
N ASP A 148 14.41 -3.50 -3.01
N ASP A 148 14.42 -3.50 -3.00
N ASP A 148 14.41 -3.50 -3.01
CA ASP A 148 14.71 -4.93 -3.23
CA ASP A 148 14.70 -4.92 -3.22
CA ASP A 148 14.71 -4.93 -3.23
C ASP A 148 14.07 -5.45 -4.52
C ASP A 148 14.07 -5.44 -4.52
C ASP A 148 14.07 -5.45 -4.52
N PHE A 149 12.81 -5.06 -4.76
CA PHE A 149 12.07 -5.47 -5.97
C PHE A 149 12.76 -4.97 -7.26
N VAL A 150 13.24 -3.74 -7.22
CA VAL A 150 14.00 -3.17 -8.34
C VAL A 150 15.39 -3.83 -8.48
N GLN A 151 16.09 -4.05 -7.37
CA GLN A 151 17.43 -4.70 -7.38
C GLN A 151 17.38 -6.09 -8.03
N LYS A 152 16.31 -6.85 -7.77
CA LYS A 152 16.14 -8.21 -8.32
C LYS A 152 15.69 -8.25 -9.80
N GLY A 153 15.48 -7.08 -10.40
CA GLY A 153 15.02 -6.95 -11.77
C GLY A 153 13.56 -7.35 -11.98
N SER A 154 12.76 -7.27 -10.92
CA SER A 154 11.37 -7.73 -10.96
C SER A 154 10.37 -6.68 -11.50
N ALA A 155 10.76 -5.42 -11.49
CA ALA A 155 9.87 -4.34 -11.97
C ALA A 155 9.84 -4.37 -13.50
N GLN A 156 8.66 -4.59 -14.07
CA GLN A 156 8.46 -4.63 -15.52
C GLN A 156 7.17 -3.88 -15.88
N SER A 157 6.04 -4.35 -15.36
N SER A 157 6.02 -4.36 -15.37
N SER A 157 6.04 -4.35 -15.36
CA SER A 157 4.78 -3.64 -15.53
CA SER A 157 4.76 -3.64 -15.54
CA SER A 157 4.78 -3.64 -15.53
C SER A 157 4.55 -2.51 -14.53
C SER A 157 4.54 -2.51 -14.52
C SER A 157 4.55 -2.51 -14.53
N VAL A 158 4.99 -2.69 -13.28
CA VAL A 158 4.79 -1.66 -12.20
C VAL A 158 5.64 -0.42 -12.48
N LYS A 159 4.96 0.72 -12.59
CA LYS A 159 5.59 2.04 -12.88
C LYS A 159 5.42 3.12 -11.83
N LYS A 160 4.40 3.01 -10.96
CA LYS A 160 4.07 4.06 -10.00
C LYS A 160 3.54 3.46 -8.71
N VAL A 161 4.16 3.86 -7.59
CA VAL A 161 3.74 3.44 -6.26
C VAL A 161 3.54 4.70 -5.42
N LYS A 162 2.31 4.93 -4.96
CA LYS A 162 1.94 6.16 -4.20
C LYS A 162 1.43 5.83 -2.80
N VAL A 163 2.00 6.44 -1.77
CA VAL A 163 1.50 6.29 -0.39
C VAL A 163 0.65 7.52 -0.09
N VAL A 164 -0.67 7.30 0.15
CA VAL A 164 -1.58 8.40 0.57
C VAL A 164 -1.82 8.19 2.07
N ILE A 165 -1.46 9.20 2.87
CA ILE A 165 -1.26 9.09 4.31
C ILE A 165 -2.30 9.98 5.02
N PHE A 166 -3.03 9.41 5.98
CA PHE A 166 -4.10 10.18 6.64
C PHE A 166 -3.62 11.39 7.48
N LEU A 167 -2.59 11.17 8.29
CA LEU A 167 -2.03 12.26 9.13
C LEU A 167 -0.85 12.99 8.51
N PRO A 168 -0.95 14.33 8.35
CA PRO A 168 0.22 15.09 7.90
C PRO A 168 1.52 14.83 8.67
N GLN A 169 1.47 14.61 9.97
CA GLN A 169 2.70 14.32 10.74
C GLN A 169 3.43 13.05 10.29
N VAL A 170 2.67 12.06 9.81
CA VAL A 170 3.27 10.81 9.28
C VAL A 170 3.87 11.08 7.88
N LEU A 171 3.20 11.88 7.07
CA LEU A 171 3.78 12.33 5.79
C LEU A 171 5.17 12.94 5.97
N ASP A 172 5.33 13.78 7.00
CA ASP A 172 6.63 14.44 7.24
C ASP A 172 7.75 13.41 7.52
N VAL A 173 7.43 12.32 8.22
CA VAL A 173 8.35 11.21 8.48
C VAL A 173 8.79 10.48 7.17
N PHE A 174 7.81 10.23 6.29
CA PHE A 174 8.10 9.63 4.95
C PHE A 174 9.02 10.53 4.12
N TYR A 175 8.73 11.83 4.08
CA TYR A 175 9.57 12.78 3.31
C TYR A 175 11.02 12.79 3.81
N ALA A 176 11.23 12.78 5.12
CA ALA A 176 12.61 12.72 5.71
C ALA A 176 13.35 11.42 5.32
N ASN A 177 12.62 10.32 5.22
CA ASN A 177 13.22 9.02 4.86
C ASN A 177 13.64 9.06 3.36
N MET A 178 12.79 9.62 2.50
CA MET A 178 13.16 9.85 1.08
C MET A 178 14.42 10.72 0.93
N LYS A 179 14.52 11.81 1.68
CA LYS A 179 15.70 12.69 1.60
C LYS A 179 17.00 11.98 2.04
N LYS A 180 16.89 11.10 3.03
CA LYS A 180 18.04 10.31 3.51
C LYS A 180 18.60 9.47 2.35
N ARG A 181 17.71 8.96 1.49
CA ARG A 181 18.11 8.05 0.42
C ARG A 181 18.58 8.68 -0.89
N GLU A 182 18.27 9.96 -1.12
CA GLU A 182 18.35 10.52 -2.48
C GLU A 182 19.79 10.58 -3.01
N GLY A 183 19.93 10.44 -4.33
CA GLY A 183 21.23 10.41 -4.99
C GLY A 183 21.91 11.77 -5.04
#